data_8PJR
#
_entry.id   8PJR
#
_cell.length_a   34.730
_cell.length_b   47.556
_cell.length_c   74.486
_cell.angle_alpha   90.000
_cell.angle_beta   90.000
_cell.angle_gamma   90.000
#
_symmetry.space_group_name_H-M   'P 1 21 1'
#
loop_
_entity.id
_entity.type
_entity.pdbx_description
1 polymer SAKe6AC-LB
2 water water
#
_entity_poly.entity_id   1
_entity_poly.type   'polypeptide(L)'
_entity_poly.pdbx_seq_one_letter_code
;GSHMNGRIYAVGGYDGNTHLNSVEAYDPETDEWSFVAPMTTPRSGVGVAVLNGRIYAVGGYDGNTHLNSVEAYDPETDEW
SFVAPMTTPRSGVGVAVLNGRIYAVGGYDGNTHLNSVEAYDPETDEWSFVAPMTTPRSGVGVAVLNGRIYAVGGYDGNTH
LNSVEAYDPETDEWSFVAPMTTPRSGVGVAVLNGRIYAVGGYDGNTHLNSVEAYDPETDEWSFVAPMTTPRSGVGVAVLN
GRIYAVGGYDGNTHLNSVEAYDPETDEWSFVAPMTTPRSGVGVAVL
;
_entity_poly.pdbx_strand_id   A
#
# COMPACT_ATOMS: atom_id res chain seq x y z
N GLY A 6 17.27 -4.49 -1.51
CA GLY A 6 17.85 -3.33 -0.80
C GLY A 6 17.48 -2.03 -1.48
N ARG A 7 16.42 -2.08 -2.28
CA ARG A 7 15.95 -0.86 -2.99
C ARG A 7 14.46 -0.70 -2.74
N ILE A 8 14.00 0.55 -2.81
CA ILE A 8 12.56 0.84 -2.69
C ILE A 8 12.03 1.14 -4.09
N TYR A 9 10.95 0.47 -4.48
CA TYR A 9 10.36 0.70 -5.79
C TYR A 9 9.06 1.48 -5.64
N ALA A 10 8.94 2.59 -6.36
CA ALA A 10 7.71 3.37 -6.43
C ALA A 10 7.05 3.07 -7.77
N VAL A 11 5.86 2.46 -7.74
CA VAL A 11 5.24 1.85 -8.92
C VAL A 11 3.98 2.63 -9.28
N GLY A 12 3.93 3.17 -10.49
CA GLY A 12 2.73 3.81 -10.99
C GLY A 12 2.33 5.03 -10.18
N GLY A 13 1.03 5.22 -10.03
CA GLY A 13 0.48 6.40 -9.39
C GLY A 13 -0.07 7.40 -10.40
N TYR A 14 -0.38 8.58 -9.89
CA TYR A 14 -1.00 9.65 -10.66
C TYR A 14 -0.24 10.92 -10.39
N ASP A 15 0.19 11.63 -11.43
CA ASP A 15 1.05 12.79 -11.23
C ASP A 15 0.28 14.11 -11.22
N GLY A 16 -1.04 14.06 -11.21
CA GLY A 16 -1.85 15.24 -11.31
C GLY A 16 -2.39 15.49 -12.70
N ASN A 17 -1.86 14.80 -13.70
CA ASN A 17 -2.37 14.94 -15.10
C ASN A 17 -2.49 13.57 -15.76
N THR A 18 -1.61 12.64 -15.39
CA THR A 18 -1.59 11.32 -16.06
C THR A 18 -1.45 10.15 -15.08
N HIS A 19 -2.12 9.07 -15.42
CA HIS A 19 -1.93 7.81 -14.67
C HIS A 19 -0.60 7.25 -15.22
N LEU A 20 0.25 6.77 -14.33
CA LEU A 20 1.62 6.45 -14.70
C LEU A 20 1.85 4.94 -14.85
N ASN A 21 2.62 4.57 -15.87
CA ASN A 21 3.21 3.22 -15.90
C ASN A 21 4.69 3.22 -15.55
N SER A 22 5.28 4.38 -15.28
CA SER A 22 6.69 4.44 -14.91
C SER A 22 6.93 3.95 -13.49
N VAL A 23 8.16 3.51 -13.24
CA VAL A 23 8.59 2.94 -11.97
C VAL A 23 9.94 3.52 -11.64
N GLU A 24 10.14 4.01 -10.42
CA GLU A 24 11.45 4.48 -9.97
C GLU A 24 11.94 3.66 -8.79
N ALA A 25 13.26 3.50 -8.68
CA ALA A 25 13.87 2.72 -7.61
C ALA A 25 14.81 3.61 -6.80
N TYR A 26 14.75 3.50 -5.48
CA TYR A 26 15.54 4.31 -4.57
C TYR A 26 16.65 3.49 -3.96
N ASP A 27 17.88 4.02 -4.01
CA ASP A 27 19.04 3.38 -3.39
C ASP A 27 19.46 4.21 -2.18
N PRO A 28 19.36 3.70 -0.95
CA PRO A 28 19.71 4.51 0.21
C PRO A 28 21.20 4.78 0.34
N GLU A 29 22.06 3.94 -0.23
CA GLU A 29 23.49 4.20 -0.16
C GLU A 29 23.85 5.49 -0.89
N THR A 30 23.18 5.76 -1.99
CA THR A 30 23.47 6.94 -2.78
C THR A 30 22.46 8.06 -2.59
N ASP A 31 21.29 7.77 -1.99
CA ASP A 31 20.20 8.73 -1.83
C ASP A 31 19.73 9.25 -3.18
N GLU A 32 19.53 8.34 -4.12
CA GLU A 32 18.98 8.80 -5.38
C GLU A 32 17.98 7.79 -5.93
N TRP A 33 17.02 8.35 -6.68
CA TRP A 33 15.99 7.62 -7.39
C TRP A 33 16.40 7.53 -8.86
N SER A 34 16.15 6.38 -9.47
CA SER A 34 16.33 6.26 -10.91
C SER A 34 15.21 5.42 -11.49
N PHE A 35 14.92 5.64 -12.76
CA PHE A 35 13.87 4.86 -13.41
C PHE A 35 14.34 3.44 -13.69
N VAL A 36 13.42 2.48 -13.55
CA VAL A 36 13.63 1.13 -14.05
C VAL A 36 12.62 0.89 -15.16
N ALA A 37 12.44 -0.35 -15.58
CA ALA A 37 11.53 -0.60 -16.69
C ALA A 37 10.10 -0.23 -16.30
N PRO A 38 9.34 0.39 -17.20
CA PRO A 38 7.94 0.69 -16.91
C PRO A 38 7.04 -0.52 -17.08
N MET A 39 5.92 -0.48 -16.38
CA MET A 39 4.88 -1.47 -16.60
C MET A 39 4.26 -1.32 -17.99
N THR A 40 3.54 -2.35 -18.44
CA THR A 40 2.78 -2.19 -19.67
C THR A 40 1.57 -1.27 -19.45
N THR A 41 0.84 -1.49 -18.38
CA THR A 41 -0.39 -0.76 -18.12
C THR A 41 -0.15 0.33 -17.07
N PRO A 42 -0.57 1.57 -17.32
CA PRO A 42 -0.57 2.58 -16.26
C PRO A 42 -1.51 2.18 -15.14
N ARG A 43 -1.09 2.43 -13.90
CA ARG A 43 -1.93 2.06 -12.75
C ARG A 43 -1.74 3.07 -11.63
N SER A 44 -2.82 3.73 -11.25
CA SER A 44 -2.87 4.43 -9.99
C SER A 44 -3.80 3.67 -9.05
N GLY A 45 -3.62 3.89 -7.75
CA GLY A 45 -4.36 3.09 -6.77
C GLY A 45 -3.98 1.62 -6.84
N VAL A 46 -2.70 1.34 -7.12
CA VAL A 46 -2.21 -0.01 -7.37
C VAL A 46 -1.70 -0.60 -6.07
N GLY A 47 -1.84 -1.91 -5.90
CA GLY A 47 -1.25 -2.60 -4.76
C GLY A 47 0.04 -3.27 -5.21
N VAL A 48 1.06 -3.22 -4.35
CA VAL A 48 2.36 -3.77 -4.72
C VAL A 48 2.83 -4.70 -3.62
N ALA A 49 3.30 -5.90 -4.00
CA ALA A 49 3.81 -6.88 -3.04
C ALA A 49 5.07 -7.51 -3.61
N VAL A 50 5.94 -7.96 -2.71
CA VAL A 50 7.17 -8.68 -3.10
C VAL A 50 7.04 -10.11 -2.65
N LEU A 51 7.29 -11.04 -3.57
CA LEU A 51 7.25 -12.45 -3.22
C LEU A 51 8.22 -13.22 -4.10
N ASN A 52 9.17 -13.91 -3.46
CA ASN A 52 10.10 -14.80 -4.14
C ASN A 52 10.90 -14.08 -5.21
N GLY A 53 11.36 -12.88 -4.87
CA GLY A 53 12.29 -12.17 -5.76
C GLY A 53 11.59 -11.40 -6.87
N ARG A 54 10.28 -11.37 -6.80
CA ARG A 54 9.53 -10.60 -7.81
C ARG A 54 8.60 -9.58 -7.16
N ILE A 55 8.43 -8.46 -7.86
CA ILE A 55 7.45 -7.45 -7.41
C ILE A 55 6.18 -7.66 -8.24
N TYR A 56 5.06 -7.65 -7.53
CA TYR A 56 3.77 -7.79 -8.20
C TYR A 56 3.00 -6.47 -8.12
N ALA A 57 2.55 -5.96 -9.26
CA ALA A 57 1.69 -4.80 -9.33
C ALA A 57 0.28 -5.31 -9.60
N VAL A 58 -0.63 -5.07 -8.65
CA VAL A 58 -1.94 -5.73 -8.60
C VAL A 58 -3.02 -4.69 -8.81
N GLY A 59 -3.80 -4.83 -9.88
CA GLY A 59 -4.95 -3.96 -10.02
C GLY A 59 -4.59 -2.51 -10.30
N GLY A 60 -5.44 -1.60 -9.83
CA GLY A 60 -5.29 -0.19 -10.07
C GLY A 60 -6.28 0.33 -11.08
N TYR A 61 -5.99 1.52 -11.59
CA TYR A 61 -6.87 2.23 -12.50
C TYR A 61 -5.99 2.84 -13.58
N ASP A 62 -6.33 2.61 -14.84
CA ASP A 62 -5.45 3.07 -15.90
C ASP A 62 -5.90 4.38 -16.54
N GLY A 63 -6.86 5.05 -15.94
CA GLY A 63 -7.38 6.30 -16.51
C GLY A 63 -8.71 6.11 -17.22
N ASN A 64 -9.06 4.87 -17.50
CA ASN A 64 -10.33 4.56 -18.22
C ASN A 64 -10.99 3.33 -17.59
N THR A 65 -10.17 2.45 -17.02
CA THR A 65 -10.71 1.18 -16.50
C THR A 65 -10.11 0.78 -15.15
N HIS A 66 -10.97 0.29 -14.25
CA HIS A 66 -10.45 -0.37 -13.05
C HIS A 66 -10.00 -1.77 -13.42
N LEU A 67 -8.82 -2.16 -12.93
CA LEU A 67 -8.06 -3.26 -13.50
C LEU A 67 -8.13 -4.51 -12.64
N ASN A 68 -8.28 -5.66 -13.31
CA ASN A 68 -8.00 -6.93 -12.64
C ASN A 68 -6.68 -7.53 -13.06
N SER A 69 -5.93 -6.88 -13.96
CA SER A 69 -4.68 -7.46 -14.43
C SER A 69 -3.58 -7.30 -13.38
N VAL A 70 -2.55 -8.14 -13.50
CA VAL A 70 -1.45 -8.20 -12.55
C VAL A 70 -0.15 -8.37 -13.33
N GLU A 71 0.85 -7.56 -13.04
CA GLU A 71 2.16 -7.69 -13.68
C GLU A 71 3.22 -7.98 -12.63
N ALA A 72 4.23 -8.77 -13.03
CA ALA A 72 5.33 -9.15 -12.16
C ALA A 72 6.64 -8.63 -12.73
N TYR A 73 7.47 -8.09 -11.86
CA TYR A 73 8.75 -7.50 -12.25
C TYR A 73 9.88 -8.37 -11.75
N ASP A 74 10.77 -8.74 -12.67
CA ASP A 74 11.99 -9.46 -12.34
C ASP A 74 13.16 -8.49 -12.38
N PRO A 75 13.79 -8.17 -11.25
CA PRO A 75 14.89 -7.20 -11.28
C PRO A 75 16.11 -7.70 -12.02
N GLU A 76 16.27 -9.03 -12.15
CA GLU A 76 17.46 -9.56 -12.83
C GLU A 76 17.41 -9.26 -14.32
N THR A 77 16.22 -9.28 -14.92
CA THR A 77 16.06 -8.95 -16.32
C THR A 77 15.53 -7.54 -16.56
N ASP A 78 15.09 -6.83 -15.51
CA ASP A 78 14.46 -5.51 -15.64
C ASP A 78 13.29 -5.56 -16.62
N GLU A 79 12.38 -6.51 -16.36
CA GLU A 79 11.26 -6.79 -17.26
C GLU A 79 9.99 -7.00 -16.44
N TRP A 80 8.88 -6.43 -16.91
CA TRP A 80 7.55 -6.70 -16.38
C TRP A 80 6.84 -7.68 -17.31
N SER A 81 6.12 -8.64 -16.72
CA SER A 81 5.29 -9.59 -17.46
C SER A 81 3.92 -9.71 -16.80
N PHE A 82 2.87 -9.96 -17.61
CA PHE A 82 1.57 -10.25 -17.01
C PHE A 82 1.56 -11.65 -16.41
N VAL A 83 0.89 -11.78 -15.26
CA VAL A 83 0.58 -13.10 -14.70
C VAL A 83 -0.95 -13.24 -14.70
N ALA A 84 -1.48 -14.21 -13.96
CA ALA A 84 -2.92 -14.41 -14.00
C ALA A 84 -3.65 -13.19 -13.44
N PRO A 85 -4.75 -12.78 -14.05
CA PRO A 85 -5.55 -11.68 -13.47
C PRO A 85 -6.42 -12.15 -12.32
N MET A 86 -6.73 -11.22 -11.42
CA MET A 86 -7.76 -11.53 -10.44
C MET A 86 -9.15 -11.65 -11.08
N THR A 87 -10.06 -12.25 -10.31
CA THR A 87 -11.43 -12.35 -10.77
C THR A 87 -12.10 -10.99 -10.78
N THR A 88 -11.91 -10.20 -9.72
CA THR A 88 -12.58 -8.92 -9.57
C THR A 88 -11.59 -7.78 -9.83
N PRO A 89 -11.91 -6.82 -10.67
CA PRO A 89 -11.07 -5.60 -10.78
C PRO A 89 -11.06 -4.83 -9.47
N ARG A 90 -9.90 -4.25 -9.14
CA ARG A 90 -9.74 -3.54 -7.88
C ARG A 90 -8.77 -2.40 -8.06
N SER A 91 -9.22 -1.18 -7.82
CA SER A 91 -8.33 -0.05 -7.58
C SER A 91 -8.45 0.35 -6.13
N GLY A 92 -7.43 1.06 -5.63
CA GLY A 92 -7.41 1.35 -4.20
C GLY A 92 -7.36 0.09 -3.37
N VAL A 93 -6.63 -0.96 -3.87
CA VAL A 93 -6.58 -2.27 -3.26
C VAL A 93 -5.38 -2.32 -2.32
N GLY A 94 -5.50 -3.06 -1.23
CA GLY A 94 -4.37 -3.34 -0.36
C GLY A 94 -3.80 -4.72 -0.66
N VAL A 95 -2.49 -4.84 -0.61
CA VAL A 95 -1.83 -6.08 -1.03
C VAL A 95 -0.82 -6.48 0.06
N ALA A 96 -0.83 -7.75 0.43
CA ALA A 96 0.10 -8.26 1.44
C ALA A 96 0.54 -9.67 1.08
N VAL A 97 1.70 -10.04 1.62
CA VAL A 97 2.24 -11.40 1.37
C VAL A 97 2.31 -12.12 2.71
N LEU A 98 1.76 -13.32 2.75
CA LEU A 98 1.83 -14.14 3.98
C LEU A 98 1.93 -15.60 3.57
N ASN A 99 2.98 -16.27 4.06
CA ASN A 99 3.14 -17.73 3.84
C ASN A 99 3.04 -18.12 2.38
N GLY A 100 3.76 -17.41 1.52
CA GLY A 100 3.86 -17.85 0.13
C GLY A 100 2.68 -17.48 -0.74
N ARG A 101 1.76 -16.71 -0.20
CA ARG A 101 0.64 -16.22 -1.04
C ARG A 101 0.54 -14.70 -1.00
N ILE A 102 0.00 -14.15 -2.07
CA ILE A 102 -0.27 -12.70 -2.12
C ILE A 102 -1.78 -12.52 -1.91
N TYR A 103 -2.12 -11.62 -1.00
CA TYR A 103 -3.54 -11.35 -0.73
C TYR A 103 -3.89 -9.99 -1.31
N ALA A 104 -4.96 -9.95 -2.12
CA ALA A 104 -5.51 -8.71 -2.62
C ALA A 104 -6.78 -8.43 -1.81
N VAL A 105 -6.79 -7.31 -1.10
CA VAL A 105 -7.77 -7.03 -0.04
C VAL A 105 -8.59 -5.80 -0.44
N GLY A 106 -9.91 -5.98 -0.57
CA GLY A 106 -10.78 -4.83 -0.78
C GLY A 106 -10.52 -4.14 -2.10
N GLY A 107 -10.76 -2.83 -2.10
CA GLY A 107 -10.65 -2.05 -3.32
C GLY A 107 -12.01 -1.63 -3.86
N TYR A 108 -11.99 -1.12 -5.08
CA TYR A 108 -13.18 -0.63 -5.78
C TYR A 108 -13.16 -1.19 -7.19
N ASP A 109 -14.28 -1.77 -7.65
CA ASP A 109 -14.29 -2.42 -8.96
C ASP A 109 -14.87 -1.56 -10.06
N GLY A 110 -15.11 -0.28 -9.79
CA GLY A 110 -15.77 0.59 -10.74
C GLY A 110 -17.23 0.87 -10.40
N ASN A 111 -17.88 0.00 -9.65
CA ASN A 111 -19.27 0.20 -9.25
C ASN A 111 -19.46 0.03 -7.74
N THR A 112 -18.60 -0.75 -7.10
CA THR A 112 -18.79 -1.21 -5.73
C THR A 112 -17.49 -1.16 -4.94
N HIS A 113 -17.56 -0.67 -3.70
CA HIS A 113 -16.46 -0.84 -2.76
C HIS A 113 -16.52 -2.25 -2.17
N LEU A 114 -15.37 -2.90 -2.10
CA LEU A 114 -15.33 -4.34 -1.94
C LEU A 114 -14.90 -4.74 -0.55
N ASN A 115 -15.53 -5.79 -0.01
CA ASN A 115 -14.97 -6.50 1.13
C ASN A 115 -14.40 -7.86 0.76
N SER A 116 -14.42 -8.24 -0.51
CA SER A 116 -13.87 -9.53 -0.91
C SER A 116 -12.33 -9.48 -0.92
N VAL A 117 -11.75 -10.68 -0.83
CA VAL A 117 -10.31 -10.87 -0.69
C VAL A 117 -9.91 -12.03 -1.56
N GLU A 118 -8.89 -11.84 -2.39
CA GLU A 118 -8.41 -12.95 -3.22
C GLU A 118 -6.96 -13.25 -2.89
N ALA A 119 -6.57 -14.50 -3.02
CA ALA A 119 -5.22 -14.97 -2.70
C ALA A 119 -4.58 -15.58 -3.94
N TYR A 120 -3.30 -15.24 -4.17
CA TYR A 120 -2.57 -15.67 -5.34
C TYR A 120 -1.50 -16.69 -4.96
N ASP A 121 -1.49 -17.82 -5.65
CA ASP A 121 -0.47 -18.84 -5.52
C ASP A 121 0.44 -18.74 -6.73
N PRO A 122 1.71 -18.33 -6.57
CA PRO A 122 2.58 -18.17 -7.75
C PRO A 122 2.98 -19.49 -8.39
N GLU A 123 2.87 -20.58 -7.65
CA GLU A 123 3.29 -21.89 -8.21
C GLU A 123 2.24 -22.35 -9.21
N THR A 124 0.97 -22.15 -8.89
CA THR A 124 -0.14 -22.55 -9.78
C THR A 124 -0.54 -21.38 -10.70
N ASP A 125 -0.12 -20.17 -10.34
CA ASP A 125 -0.49 -18.97 -11.13
C ASP A 125 -2.01 -18.86 -11.11
N GLU A 126 -2.55 -18.97 -9.91
CA GLU A 126 -4.02 -18.85 -9.78
C GLU A 126 -4.44 -17.98 -8.61
N TRP A 127 -5.50 -17.20 -8.81
CA TRP A 127 -6.15 -16.46 -7.73
C TRP A 127 -7.38 -17.24 -7.26
N SER A 128 -7.63 -17.21 -5.95
CA SER A 128 -8.85 -17.79 -5.40
C SER A 128 -9.39 -16.91 -4.29
N PHE A 129 -10.70 -16.92 -4.13
CA PHE A 129 -11.31 -16.14 -3.05
C PHE A 129 -11.06 -16.81 -1.71
N VAL A 130 -10.83 -15.97 -0.67
CA VAL A 130 -10.85 -16.45 0.71
C VAL A 130 -11.97 -15.74 1.45
N ALA A 131 -11.99 -15.80 2.77
CA ALA A 131 -13.08 -15.18 3.50
C ALA A 131 -13.09 -13.66 3.28
N PRO A 132 -14.25 -13.04 3.11
CA PRO A 132 -14.32 -11.58 2.94
C PRO A 132 -14.22 -10.89 4.28
N MET A 133 -13.80 -9.62 4.25
CA MET A 133 -13.86 -8.87 5.50
C MET A 133 -15.31 -8.52 5.82
N THR A 134 -15.52 -8.07 7.05
CA THR A 134 -16.85 -7.55 7.40
C THR A 134 -17.16 -6.27 6.66
N THR A 135 -16.25 -5.33 6.69
CA THR A 135 -16.50 -4.00 6.14
C THR A 135 -15.86 -3.83 4.77
N PRO A 136 -16.58 -3.34 3.77
CA PRO A 136 -15.93 -2.97 2.50
C PRO A 136 -14.93 -1.84 2.72
N ARG A 137 -13.80 -1.93 2.00
CA ARG A 137 -12.71 -0.97 2.19
C ARG A 137 -11.99 -0.76 0.87
N SER A 138 -12.10 0.44 0.30
CA SER A 138 -11.17 0.88 -0.74
C SER A 138 -10.24 1.93 -0.15
N GLY A 139 -9.06 2.07 -0.75
CA GLY A 139 -8.06 2.96 -0.16
C GLY A 139 -7.56 2.43 1.16
N VAL A 140 -7.52 1.10 1.31
CA VAL A 140 -7.19 0.42 2.55
C VAL A 140 -5.69 0.16 2.60
N GLY A 141 -5.12 0.25 3.81
CA GLY A 141 -3.72 -0.12 4.01
C GLY A 141 -3.65 -1.52 4.59
N VAL A 142 -2.69 -2.32 4.11
CA VAL A 142 -2.61 -3.71 4.51
C VAL A 142 -1.18 -4.01 4.93
N ALA A 143 -1.02 -4.71 6.05
CA ALA A 143 0.31 -5.15 6.42
C ALA A 143 0.24 -6.48 7.15
N VAL A 144 1.37 -7.16 7.22
CA VAL A 144 1.45 -8.50 7.80
C VAL A 144 2.34 -8.44 9.03
N LEU A 145 1.86 -9.00 10.13
CA LEU A 145 2.62 -8.99 11.38
C LEU A 145 2.29 -10.26 12.14
N ASN A 146 3.30 -11.06 12.44
CA ASN A 146 3.17 -12.25 13.29
C ASN A 146 2.02 -13.13 12.82
N GLY A 147 2.03 -13.41 11.52
CA GLY A 147 1.11 -14.44 11.00
C GLY A 147 -0.30 -13.97 10.76
N ARG A 148 -0.50 -12.67 10.85
CA ARG A 148 -1.85 -12.12 10.55
C ARG A 148 -1.75 -10.99 9.52
N ILE A 149 -2.80 -10.83 8.74
CA ILE A 149 -2.89 -9.69 7.80
C ILE A 149 -3.82 -8.68 8.44
N TYR A 150 -3.38 -7.43 8.48
CA TYR A 150 -4.19 -6.36 9.04
C TYR A 150 -4.69 -5.46 7.92
N ALA A 151 -6.01 -5.26 7.86
CA ALA A 151 -6.62 -4.32 6.93
C ALA A 151 -7.01 -3.07 7.71
N VAL A 152 -6.38 -1.94 7.37
CA VAL A 152 -6.40 -0.74 8.22
C VAL A 152 -7.16 0.36 7.50
N GLY A 153 -8.24 0.85 8.11
CA GLY A 153 -8.94 2.00 7.58
C GLY A 153 -9.55 1.72 6.21
N GLY A 154 -9.55 2.74 5.37
CA GLY A 154 -10.21 2.67 4.08
C GLY A 154 -11.53 3.42 4.06
N TYR A 155 -12.28 3.20 2.98
CA TYR A 155 -13.54 3.90 2.74
C TYR A 155 -14.56 2.86 2.32
N ASP A 156 -15.74 2.86 2.94
CA ASP A 156 -16.69 1.77 2.68
C ASP A 156 -17.77 2.17 1.69
N GLY A 157 -17.63 3.30 1.03
CA GLY A 157 -18.66 3.81 0.17
C GLY A 157 -19.49 4.91 0.79
N ASN A 158 -19.46 5.02 2.12
CA ASN A 158 -20.22 6.05 2.82
C ASN A 158 -19.37 6.78 3.84
N THR A 159 -18.44 6.09 4.48
CA THR A 159 -17.67 6.69 5.56
C THR A 159 -16.21 6.30 5.44
N HIS A 160 -15.35 7.24 5.83
CA HIS A 160 -13.93 6.92 6.02
C HIS A 160 -13.75 6.23 7.36
N LEU A 161 -12.97 5.17 7.36
CA LEU A 161 -12.97 4.20 8.45
C LEU A 161 -11.77 4.36 9.38
N ASN A 162 -12.02 4.21 10.69
CA ASN A 162 -10.92 4.01 11.63
C ASN A 162 -10.85 2.57 12.15
N SER A 163 -11.76 1.69 11.70
CA SER A 163 -11.73 0.29 12.12
C SER A 163 -10.61 -0.47 11.42
N VAL A 164 -10.19 -1.56 12.06
CA VAL A 164 -9.09 -2.40 11.62
C VAL A 164 -9.51 -3.85 11.79
N GLU A 165 -9.33 -4.66 10.76
CA GLU A 165 -9.63 -6.10 10.85
C GLU A 165 -8.35 -6.90 10.64
N ALA A 166 -8.27 -8.06 11.30
CA ALA A 166 -7.11 -8.93 11.16
C ALA A 166 -7.54 -10.30 10.64
N TYR A 167 -6.77 -10.84 9.70
CA TYR A 167 -7.08 -12.11 9.06
C TYR A 167 -6.14 -13.20 9.56
N ASP A 168 -6.72 -14.32 9.98
CA ASP A 168 -5.95 -15.48 10.42
C ASP A 168 -6.08 -16.57 9.36
N PRO A 169 -5.02 -16.93 8.64
CA PRO A 169 -5.18 -17.93 7.57
C PRO A 169 -5.40 -19.34 8.08
N GLU A 170 -5.09 -19.61 9.34
CA GLU A 170 -5.38 -20.97 9.89
C GLU A 170 -6.89 -21.18 9.99
N THR A 171 -7.64 -20.13 10.28
CA THR A 171 -9.10 -20.28 10.50
C THR A 171 -9.87 -19.70 9.30
N ASP A 172 -9.18 -18.98 8.43
CA ASP A 172 -9.85 -18.29 7.28
C ASP A 172 -10.92 -17.37 7.85
N GLU A 173 -10.52 -16.57 8.83
CA GLU A 173 -11.48 -15.63 9.43
C GLU A 173 -10.89 -14.24 9.70
N TRP A 174 -11.68 -13.21 9.45
CA TRP A 174 -11.36 -11.83 9.80
C TRP A 174 -12.01 -11.49 11.13
N SER A 175 -11.29 -10.74 11.98
CA SER A 175 -11.78 -10.31 13.27
C SER A 175 -11.39 -8.85 13.46
N PHE A 176 -12.26 -8.06 14.09
CA PHE A 176 -11.87 -6.69 14.39
C PHE A 176 -10.81 -6.66 15.49
N VAL A 177 -9.87 -5.73 15.38
CA VAL A 177 -8.95 -5.42 16.48
C VAL A 177 -9.24 -3.98 16.89
N ALA A 178 -8.36 -3.38 17.69
CA ALA A 178 -8.62 -2.03 18.17
C ALA A 178 -8.65 -1.05 17.01
N PRO A 179 -9.60 -0.11 16.99
CA PRO A 179 -9.63 0.91 15.94
C PRO A 179 -8.59 2.00 16.19
N MET A 180 -8.21 2.64 15.09
CA MET A 180 -7.37 3.82 15.19
C MET A 180 -8.15 4.98 15.83
N THR A 181 -7.43 6.01 16.28
CA THR A 181 -8.13 7.23 16.72
C THR A 181 -8.71 7.98 15.52
N THR A 182 -7.94 8.12 14.46
CA THR A 182 -8.34 8.93 13.32
C THR A 182 -8.77 8.04 12.16
N PRO A 183 -9.95 8.26 11.57
CA PRO A 183 -10.29 7.58 10.31
C PRO A 183 -9.30 7.94 9.21
N ARG A 184 -8.95 6.97 8.39
CA ARG A 184 -7.99 7.21 7.31
C ARG A 184 -8.33 6.34 6.12
N SER A 185 -8.64 6.96 4.99
CA SER A 185 -8.59 6.28 3.70
C SER A 185 -7.39 6.79 2.93
N GLY A 186 -6.93 6.00 1.96
CA GLY A 186 -5.70 6.33 1.27
C GLY A 186 -4.50 6.33 2.19
N VAL A 187 -4.50 5.43 3.16
CA VAL A 187 -3.48 5.39 4.21
C VAL A 187 -2.36 4.44 3.80
N GLY A 188 -1.13 4.76 4.18
CA GLY A 188 0.00 3.86 3.99
C GLY A 188 0.26 3.10 5.27
N VAL A 189 0.58 1.81 5.14
CA VAL A 189 0.78 0.97 6.32
C VAL A 189 2.10 0.21 6.19
N ALA A 190 2.89 0.21 7.27
CA ALA A 190 4.14 -0.53 7.25
C ALA A 190 4.37 -1.16 8.61
N VAL A 191 5.16 -2.23 8.63
CA VAL A 191 5.48 -2.96 9.85
C VAL A 191 6.96 -2.79 10.13
N LEU A 192 7.28 -2.38 11.36
CA LEU A 192 8.67 -2.21 11.74
C LEU A 192 8.81 -2.53 13.22
N ASN A 193 9.64 -3.52 13.52
CA ASN A 193 10.01 -3.90 14.89
C ASN A 193 8.79 -4.15 15.75
N GLY A 194 7.87 -4.96 15.21
CA GLY A 194 6.77 -5.44 16.04
C GLY A 194 5.61 -4.48 16.13
N ARG A 195 5.68 -3.41 15.37
CA ARG A 195 4.56 -2.44 15.38
C ARG A 195 4.08 -2.16 13.95
N ILE A 196 2.80 -1.91 13.85
CA ILE A 196 2.23 -1.48 12.55
C ILE A 196 2.07 0.04 12.60
N TYR A 197 2.50 0.70 11.53
CA TYR A 197 2.38 2.15 11.45
C TYR A 197 1.36 2.52 10.39
N ALA A 198 0.38 3.33 10.76
CA ALA A 198 -0.60 3.88 9.83
C ALA A 198 -0.21 5.32 9.54
N VAL A 199 0.15 5.60 8.30
CA VAL A 199 0.83 6.85 7.91
C VAL A 199 -0.10 7.66 7.02
N GLY A 200 -0.46 8.87 7.46
CA GLY A 200 -1.21 9.75 6.57
C GLY A 200 -2.61 9.26 6.30
N GLY A 201 -3.10 9.62 5.12
CA GLY A 201 -4.46 9.30 4.71
C GLY A 201 -5.35 10.53 4.73
N TYR A 202 -6.65 10.26 4.67
CA TYR A 202 -7.68 11.28 4.57
C TYR A 202 -8.80 10.90 5.52
N ASP A 203 -9.22 11.82 6.40
CA ASP A 203 -10.21 11.46 7.40
C ASP A 203 -11.61 11.88 7.02
N GLY A 204 -11.82 12.30 5.77
CA GLY A 204 -13.10 12.79 5.33
C GLY A 204 -13.20 14.30 5.31
N ASN A 205 -12.29 15.00 5.99
CA ASN A 205 -12.29 16.46 5.99
C ASN A 205 -10.89 17.00 5.70
N THR A 206 -9.87 16.25 6.09
CA THR A 206 -8.49 16.72 6.06
C THR A 206 -7.54 15.65 5.56
N HIS A 207 -6.58 16.06 4.73
CA HIS A 207 -5.45 15.20 4.39
C HIS A 207 -4.45 15.24 5.55
N LEU A 208 -3.98 14.08 5.97
CA LEU A 208 -3.34 13.90 7.27
C LEU A 208 -1.83 13.83 7.18
N ASN A 209 -1.15 14.50 8.13
CA ASN A 209 0.25 14.19 8.37
C ASN A 209 0.46 13.37 9.64
N SER A 210 -0.60 13.02 10.36
CA SER A 210 -0.42 12.24 11.58
C SER A 210 -0.12 10.78 11.28
N VAL A 211 0.47 10.11 12.27
CA VAL A 211 0.94 8.73 12.17
C VAL A 211 0.61 8.01 13.47
N GLU A 212 -0.03 6.85 13.37
CA GLU A 212 -0.36 6.05 14.55
C GLU A 212 0.36 4.71 14.48
N ALA A 213 0.77 4.20 15.63
CA ALA A 213 1.48 2.93 15.73
C ALA A 213 0.65 1.96 16.57
N TYR A 214 0.55 0.73 16.09
CA TYR A 214 -0.23 -0.31 16.73
C TYR A 214 0.71 -1.33 17.37
N ASP A 215 0.46 -1.61 18.64
CA ASP A 215 1.16 -2.69 19.32
C ASP A 215 0.21 -3.85 19.51
N PRO A 216 0.43 -5.00 18.87
CA PRO A 216 -0.52 -6.11 19.00
C PRO A 216 -0.52 -6.73 20.37
N GLU A 217 0.52 -6.51 21.17
CA GLU A 217 0.59 -7.11 22.53
C GLU A 217 -0.43 -6.41 23.45
N THR A 218 -0.61 -5.10 23.27
CA THR A 218 -1.59 -4.34 24.09
C THR A 218 -2.89 -4.10 23.31
N ASP A 219 -2.90 -4.37 22.00
CA ASP A 219 -4.09 -4.06 21.16
C ASP A 219 -4.42 -2.57 21.34
N GLU A 220 -3.41 -1.71 21.17
CA GLU A 220 -3.62 -0.28 21.33
C GLU A 220 -2.90 0.49 20.23
N TRP A 221 -3.54 1.55 19.74
CA TRP A 221 -2.93 2.49 18.81
C TRP A 221 -2.50 3.74 19.58
N SER A 222 -1.34 4.30 19.20
CA SER A 222 -0.84 5.53 19.80
C SER A 222 -0.26 6.42 18.72
N PHE A 223 -0.39 7.73 18.88
CA PHE A 223 0.26 8.63 17.92
C PHE A 223 1.77 8.64 18.13
N VAL A 224 2.51 8.71 17.02
CA VAL A 224 3.94 8.98 17.06
C VAL A 224 4.17 10.32 16.37
N ALA A 225 5.41 10.64 16.00
CA ALA A 225 5.68 11.94 15.39
C ALA A 225 4.96 12.06 14.06
N PRO A 226 4.36 13.21 13.75
CA PRO A 226 3.76 13.40 12.43
C PRO A 226 4.80 13.70 11.37
N MET A 227 4.46 13.38 10.11
CA MET A 227 5.30 13.88 9.02
C MET A 227 5.18 15.40 8.85
N THR A 228 6.16 15.95 8.12
CA THR A 228 6.12 17.36 7.80
C THR A 228 4.99 17.68 6.84
N THR A 229 4.83 16.86 5.80
CA THR A 229 3.84 17.09 4.76
C THR A 229 2.66 16.14 4.93
N PRO A 230 1.42 16.62 4.91
CA PRO A 230 0.26 15.71 4.85
C PRO A 230 0.27 14.92 3.55
N ARG A 231 -0.16 13.65 3.65
CA ARG A 231 -0.12 12.76 2.48
C ARG A 231 -1.27 11.80 2.55
N SER A 232 -2.18 11.87 1.58
CA SER A 232 -3.10 10.77 1.32
C SER A 232 -2.71 10.10 0.01
N GLY A 233 -3.16 8.87 -0.16
CA GLY A 233 -2.69 8.11 -1.32
C GLY A 233 -1.19 7.93 -1.29
N VAL A 234 -0.61 7.76 -0.10
CA VAL A 234 0.83 7.68 0.10
C VAL A 234 1.26 6.22 0.05
N GLY A 235 2.46 5.97 -0.46
CA GLY A 235 3.05 4.64 -0.41
C GLY A 235 4.06 4.56 0.73
N VAL A 236 4.07 3.43 1.43
CA VAL A 236 4.94 3.29 2.60
C VAL A 236 5.72 1.99 2.50
N ALA A 237 7.02 2.06 2.81
CA ALA A 237 7.86 0.87 2.82
C ALA A 237 8.89 0.97 3.92
N VAL A 238 9.42 -0.18 4.32
CA VAL A 238 10.42 -0.28 5.38
C VAL A 238 11.70 -0.84 4.78
N LEU A 239 12.83 -0.18 5.08
CA LEU A 239 14.13 -0.63 4.58
C LEU A 239 15.21 -0.15 5.54
N ASN A 240 16.09 -1.07 5.95
CA ASN A 240 17.21 -0.78 6.86
C ASN A 240 16.75 0.00 8.09
N GLY A 241 15.63 -0.44 8.68
CA GLY A 241 15.23 0.14 9.97
C GLY A 241 14.56 1.49 9.90
N ARG A 242 14.21 1.93 8.70
CA ARG A 242 13.46 3.20 8.56
C ARG A 242 12.17 2.97 7.78
N ILE A 243 11.19 3.82 8.05
CA ILE A 243 9.93 3.79 7.27
C ILE A 243 10.00 4.94 6.28
N TYR A 244 9.73 4.64 5.02
CA TYR A 244 9.71 5.67 4.00
C TYR A 244 8.27 5.97 3.59
N ALA A 245 7.91 7.25 3.64
CA ALA A 245 6.62 7.72 3.13
C ALA A 245 6.88 8.38 1.78
N VAL A 246 6.27 7.83 0.73
CA VAL A 246 6.62 8.13 -0.66
C VAL A 246 5.43 8.78 -1.35
N GLY A 247 5.61 10.01 -1.81
CA GLY A 247 4.60 10.66 -2.64
C GLY A 247 3.32 10.91 -1.89
N GLY A 248 2.20 10.84 -2.62
CA GLY A 248 0.91 11.15 -2.03
C GLY A 248 0.37 12.49 -2.51
N TYR A 249 -0.66 12.96 -1.82
CA TYR A 249 -1.35 14.20 -2.16
C TYR A 249 -1.60 14.97 -0.87
N ASP A 250 -1.23 16.25 -0.82
CA ASP A 250 -1.33 17.00 0.43
C ASP A 250 -2.59 17.83 0.53
N GLY A 251 -3.55 17.66 -0.39
CA GLY A 251 -4.72 18.50 -0.44
C GLY A 251 -4.68 19.57 -1.53
N ASN A 252 -3.49 19.91 -2.03
CA ASN A 252 -3.36 20.89 -3.11
C ASN A 252 -2.46 20.38 -4.23
N THR A 253 -1.52 19.51 -3.89
CA THR A 253 -0.44 19.12 -4.79
C THR A 253 -0.19 17.62 -4.71
N HIS A 254 0.02 16.99 -5.87
CA HIS A 254 0.56 15.65 -5.92
C HIS A 254 2.06 15.71 -5.72
N LEU A 255 2.58 14.80 -4.91
CA LEU A 255 3.90 14.99 -4.30
C LEU A 255 4.93 14.06 -4.92
N ASN A 256 6.15 14.59 -5.13
CA ASN A 256 7.29 13.71 -5.35
C ASN A 256 8.23 13.65 -4.17
N SER A 257 7.93 14.34 -3.07
CA SER A 257 8.80 14.29 -1.91
C SER A 257 8.65 12.98 -1.14
N VAL A 258 9.68 12.66 -0.36
CA VAL A 258 9.80 11.39 0.34
C VAL A 258 10.36 11.70 1.73
N GLU A 259 9.72 11.17 2.77
CA GLU A 259 10.21 11.36 4.13
C GLU A 259 10.52 10.01 4.75
N ALA A 260 11.55 9.98 5.60
CA ALA A 260 11.99 8.76 6.27
C ALA A 260 11.83 8.93 7.78
N TYR A 261 11.34 7.88 8.43
CA TYR A 261 11.08 7.87 9.87
C TYR A 261 12.06 6.96 10.58
N ASP A 262 12.69 7.50 11.61
CA ASP A 262 13.57 6.74 12.50
C ASP A 262 12.83 6.48 13.80
N PRO A 263 12.47 5.24 14.12
CA PRO A 263 11.68 5.01 15.34
C PRO A 263 12.47 5.23 16.63
N GLU A 264 13.80 5.16 16.57
CA GLU A 264 14.60 5.35 17.79
C GLU A 264 14.63 6.82 18.20
N THR A 265 14.67 7.73 17.22
CA THR A 265 14.60 9.16 17.50
C THR A 265 13.18 9.69 17.43
N ASP A 266 12.26 8.94 16.82
CA ASP A 266 10.86 9.40 16.65
C ASP A 266 10.88 10.69 15.82
N GLU A 267 11.60 10.61 14.71
CA GLU A 267 11.68 11.80 13.83
C GLU A 267 11.53 11.45 12.35
N TRP A 268 10.85 12.32 11.63
CA TRP A 268 10.78 12.22 10.15
C TRP A 268 11.76 13.22 9.53
N SER A 269 12.46 12.80 8.49
CA SER A 269 13.32 13.71 7.73
C SER A 269 13.13 13.49 6.24
N PHE A 270 13.35 14.55 5.46
CA PHE A 270 13.26 14.42 4.02
C PHE A 270 14.50 13.71 3.46
N VAL A 271 14.27 12.88 2.43
CA VAL A 271 15.38 12.33 1.65
C VAL A 271 15.21 12.82 0.21
N ALA A 272 15.93 12.23 -0.73
CA ALA A 272 15.82 12.70 -2.12
C ALA A 272 14.39 12.50 -2.65
N PRO A 273 13.86 13.47 -3.40
CA PRO A 273 12.53 13.31 -3.99
C PRO A 273 12.60 12.46 -5.25
N MET A 274 11.46 11.87 -5.60
CA MET A 274 11.43 11.18 -6.88
C MET A 274 11.40 12.21 -8.01
N THR A 275 11.65 11.74 -9.23
CA THR A 275 11.49 12.62 -10.38
C THR A 275 10.02 12.98 -10.61
N THR A 276 9.16 11.99 -10.60
CA THR A 276 7.74 12.19 -10.94
C THR A 276 6.88 12.24 -9.70
N PRO A 277 6.00 13.22 -9.56
CA PRO A 277 5.00 13.20 -8.47
C PRO A 277 4.08 12.00 -8.65
N ARG A 278 3.69 11.39 -7.52
CA ARG A 278 2.90 10.15 -7.55
C ARG A 278 2.00 10.12 -6.34
N SER A 279 0.67 10.24 -6.55
CA SER A 279 -0.28 9.83 -5.54
C SER A 279 -0.95 8.53 -5.98
N GLY A 280 -1.49 7.78 -5.01
CA GLY A 280 -2.00 6.45 -5.34
C GLY A 280 -0.91 5.52 -5.83
N VAL A 281 0.29 5.68 -5.28
CA VAL A 281 1.48 4.96 -5.72
C VAL A 281 1.63 3.69 -4.89
N GLY A 282 2.11 2.62 -5.51
CA GLY A 282 2.43 1.40 -4.79
C GLY A 282 3.93 1.36 -4.50
N VAL A 283 4.30 0.90 -3.31
CA VAL A 283 5.70 0.93 -2.93
C VAL A 283 6.07 -0.45 -2.38
N ALA A 284 7.23 -0.96 -2.76
CA ALA A 284 7.71 -2.18 -2.12
C ALA A 284 9.23 -2.22 -2.12
N VAL A 285 9.77 -3.09 -1.28
CA VAL A 285 11.20 -3.20 -1.04
C VAL A 285 11.68 -4.55 -1.55
N LEU A 286 12.74 -4.54 -2.33
CA LEU A 286 13.31 -5.78 -2.83
C LEU A 286 14.82 -5.61 -2.92
#